data_8TIW
#
_entry.id   8TIW
#
_cell.length_a   72.878
_cell.length_b   133.797
_cell.length_c   134.885
_cell.angle_alpha   90.000
_cell.angle_beta   90.000
_cell.angle_gamma   90.000
#
_symmetry.space_group_name_H-M   'I 2 2 2'
#
loop_
_entity.id
_entity.type
_entity.pdbx_description
1 polymer "DNA (5'-D(*CP*CP*CP*GP*GP*AP*CP*CP*TP*GP*TP*GP*AP*CP*AP*AP*AP*TP*TP*GP*CP*CP*CP*TP*CP*AP*GP*AP*CP*GP*GP*A)-3'"
2 polymer "DNA (5'-D(*CP*CP*GP*TP*CP*TP*GP*AP*GP*GP*GP*CP*AP*AP*TP*TP*TP*GP*TP*CP*AP*CP*AP*GP*GP*TP*CP*CP*GP*GP*GP*A)-3')"
3 polymer 'Replication initiation protein'
4 non-polymer 'MAGNESIUM ION'
5 water water
#
loop_
_entity_poly.entity_id
_entity_poly.type
_entity_poly.pdbx_seq_one_letter_code
_entity_poly.pdbx_strand_id
1 'polydeoxyribonucleotide'
;(DC)(DC)(DC)(DG)(DG)(DA)(DC)(DC)(DT)(DG)(DT)(DG)(DA)(DC)(DA)(DA)(DA)(DT)(DT)(DG)
(DC)(DC)(DC)(DT)(DC)(DA)(DG)(DA)(DC)(DG)(DG)(DA)
;
A
2 'polydeoxyribonucleotide'
;(DC)(DC)(DG)(DT)(DC)(DT)(DG)(DA)(DG)(DG)(DG)(DC)(DA)(DA)(DT)(DT)(DT)(DG)(DT)(DC)
(DA)(DC)(DA)(DG)(DG)(DT)(DC)(DC)(DG)(DG)(DG)(DA)
;
B
3 'polypeptide(L)'
;MRGSHHHHHHGSMAETAVINHKKRKNSPRIVQSNDLTEAAYSLSRDQKRMLYLFVDQIRKSDGTLQEHDGICEIHVAKYA
EIFGLTSAEASKDIRQALKSFAGKEVVFYRPEEDAGDEKGYESFPWFIKPAHSPSRGLYSVHINPYLIPFFIGLQNRFTQ
FRLSETKEITNPYAMRLYESLCQYRKPDGSGIVSLKIDWIIERYQLPQSYQRMPDFRRRFLQVCVNEINSRTPMRLSYIE
KKKGRQTTHIVFSFRDITSMTTG
;
C
#
loop_
_chem_comp.id
_chem_comp.type
_chem_comp.name
_chem_comp.formula
DA DNA linking 2'-DEOXYADENOSINE-5'-MONOPHOSPHATE 'C10 H14 N5 O6 P'
DC DNA linking 2'-DEOXYCYTIDINE-5'-MONOPHOSPHATE 'C9 H14 N3 O7 P'
DG DNA linking 2'-DEOXYGUANOSINE-5'-MONOPHOSPHATE 'C10 H14 N5 O7 P'
DT DNA linking THYMIDINE-5'-MONOPHOSPHATE 'C10 H15 N2 O8 P'
MG non-polymer 'MAGNESIUM ION' 'Mg 2'
#
# COMPACT_ATOMS: atom_id res chain seq x y z
N SER C 27 10.28 -14.29 -5.98
CA SER C 27 10.11 -13.59 -4.72
C SER C 27 8.68 -13.79 -4.20
N PRO C 28 8.42 -13.49 -2.93
CA PRO C 28 7.11 -13.82 -2.34
C PRO C 28 5.98 -13.16 -3.12
N ARG C 29 4.93 -13.95 -3.42
CA ARG C 29 3.78 -13.45 -4.15
C ARG C 29 2.72 -12.99 -3.14
N ILE C 30 2.57 -11.68 -3.03
CA ILE C 30 1.53 -11.10 -2.19
C ILE C 30 0.17 -11.25 -2.86
N VAL C 31 -0.81 -11.71 -2.09
CA VAL C 31 -2.21 -11.67 -2.49
C VAL C 31 -3.01 -11.10 -1.34
N GLN C 32 -4.08 -10.38 -1.68
CA GLN C 32 -4.92 -9.77 -0.67
C GLN C 32 -6.31 -9.57 -1.24
N SER C 33 -7.31 -9.63 -0.37
CA SER C 33 -8.67 -9.32 -0.75
C SER C 33 -8.76 -7.90 -1.30
N ASN C 34 -9.57 -7.75 -2.36
CA ASN C 34 -9.83 -6.42 -2.90
C ASN C 34 -10.35 -5.46 -1.83
N ASP C 35 -11.00 -5.98 -0.79
CA ASP C 35 -11.50 -5.10 0.26
C ASP C 35 -10.36 -4.36 0.94
N LEU C 36 -9.17 -4.96 1.00
CA LEU C 36 -8.00 -4.26 1.54
C LEU C 36 -7.40 -3.28 0.53
N THR C 37 -7.34 -3.66 -0.75
CA THR C 37 -6.82 -2.76 -1.78
C THR C 37 -7.60 -1.45 -1.80
N GLU C 38 -8.91 -1.52 -1.56
CA GLU C 38 -9.80 -0.37 -1.65
C GLU C 38 -10.19 0.18 -0.29
N ALA C 39 -9.53 -0.27 0.78
CA ALA C 39 -9.83 0.21 2.12
C ALA C 39 -9.26 1.62 2.30
N ALA C 40 -9.79 2.33 3.29
CA ALA C 40 -9.31 3.66 3.67
C ALA C 40 -8.37 3.58 4.86
N TYR C 41 -7.13 4.03 4.68
CA TYR C 41 -6.15 4.07 5.75
C TYR C 41 -4.98 4.96 5.33
N SER C 42 -4.15 5.31 6.31
CA SER C 42 -2.96 6.14 6.11
C SER C 42 -1.78 5.43 6.76
N LEU C 43 -0.91 4.83 5.95
CA LEU C 43 0.28 4.17 6.46
C LEU C 43 1.52 4.69 5.74
N SER C 44 2.65 4.71 6.46
CA SER C 44 3.92 5.08 5.86
C SER C 44 4.45 3.94 4.98
N ARG C 45 5.50 4.24 4.22
CA ARG C 45 6.16 3.20 3.43
C ARG C 45 6.63 2.05 4.30
N ASP C 46 7.38 2.36 5.35
CA ASP C 46 7.93 1.31 6.21
C ASP C 46 6.81 0.47 6.82
N GLN C 47 5.72 1.11 7.22
CA GLN C 47 4.60 0.35 7.77
C GLN C 47 3.98 -0.53 6.70
N LYS C 48 3.80 -0.01 5.49
CA LYS C 48 3.25 -0.81 4.40
C LYS C 48 4.16 -1.96 4.03
N ARG C 49 5.48 -1.74 4.09
CA ARG C 49 6.43 -2.82 3.82
C ARG C 49 6.24 -3.95 4.82
N MET C 50 6.20 -3.62 6.10
CA MET C 50 5.89 -4.58 7.15
C MET C 50 4.54 -5.26 6.90
N LEU C 51 3.54 -4.49 6.47
CA LEU C 51 2.20 -5.04 6.27
C LEU C 51 2.24 -6.17 5.23
N TYR C 52 3.13 -6.08 4.24
CA TYR C 52 3.21 -7.14 3.24
C TYR C 52 3.64 -8.46 3.88
N LEU C 53 4.53 -8.40 4.86
CA LEU C 53 5.01 -9.63 5.48
C LEU C 53 3.94 -10.24 6.39
N PHE C 54 3.19 -9.40 7.10
CA PHE C 54 2.08 -9.91 7.90
C PHE C 54 1.08 -10.69 7.05
N VAL C 55 0.64 -10.08 5.95
CA VAL C 55 -0.29 -10.74 5.04
C VAL C 55 0.29 -12.04 4.51
N ASP C 56 1.60 -12.05 4.22
CA ASP C 56 2.24 -13.28 3.77
C ASP C 56 2.28 -14.32 4.89
N GLN C 57 2.63 -13.92 6.10
CA GLN C 57 2.72 -14.85 7.21
C GLN C 57 1.35 -15.42 7.55
N ILE C 58 0.38 -14.54 7.82
CA ILE C 58 -0.99 -14.96 8.13
C ILE C 58 -1.54 -15.91 7.07
N ARG C 59 -1.43 -15.53 5.80
CA ARG C 59 -2.06 -16.30 4.73
C ARG C 59 -1.48 -17.71 4.61
N LYS C 60 -0.18 -17.87 4.92
CA LYS C 60 0.48 -19.16 4.83
C LYS C 60 0.20 -19.88 6.14
N SER C 61 -1.02 -20.39 6.22
CA SER C 61 -1.50 -21.16 7.38
C SER C 61 -2.76 -21.94 7.02
N ASP C 69 -4.51 -17.18 14.54
CA ASP C 69 -4.67 -16.46 15.81
C ASP C 69 -4.25 -14.99 15.71
N GLY C 70 -3.47 -14.66 14.68
CA GLY C 70 -3.06 -13.29 14.42
C GLY C 70 -1.72 -12.84 14.94
N ILE C 71 -0.96 -13.70 15.60
CA ILE C 71 0.33 -13.33 16.15
C ILE C 71 1.40 -13.58 15.10
N CYS C 72 2.09 -12.52 14.68
CA CYS C 72 3.14 -12.58 13.69
C CYS C 72 4.48 -12.17 14.31
N GLU C 73 5.54 -12.29 13.52
CA GLU C 73 6.90 -12.06 14.00
C GLU C 73 7.74 -11.46 12.89
N ILE C 74 8.69 -10.61 13.28
CA ILE C 74 9.61 -9.99 12.34
C ILE C 74 11.02 -10.06 12.87
N HIS C 75 11.94 -10.55 12.03
CA HIS C 75 13.36 -10.61 12.33
C HIS C 75 14.07 -9.44 11.67
N VAL C 76 14.87 -8.71 12.45
CA VAL C 76 15.62 -7.58 11.92
C VAL C 76 16.45 -8.01 10.71
N ALA C 77 17.23 -9.07 10.87
CA ALA C 77 18.19 -9.47 9.83
C ALA C 77 17.49 -9.93 8.56
N LYS C 78 16.31 -10.53 8.67
CA LYS C 78 15.58 -10.91 7.45
C LYS C 78 15.05 -9.68 6.74
N TYR C 79 14.46 -8.74 7.49
CA TYR C 79 14.01 -7.49 6.89
C TYR C 79 15.14 -6.77 6.17
N ALA C 80 16.31 -6.69 6.80
CA ALA C 80 17.44 -6.00 6.18
C ALA C 80 17.82 -6.62 4.84
N GLU C 81 17.88 -7.95 4.77
CA GLU C 81 18.27 -8.59 3.52
C GLU C 81 17.21 -8.42 2.44
N ILE C 82 15.92 -8.48 2.82
CA ILE C 82 14.85 -8.37 1.84
C ILE C 82 14.88 -7.02 1.14
N PHE C 83 15.02 -5.93 1.90
CA PHE C 83 14.92 -4.58 1.35
C PHE C 83 16.27 -3.89 1.20
N GLY C 84 17.36 -4.64 1.24
CA GLY C 84 18.70 -4.11 1.11
C GLY C 84 19.06 -2.95 2.02
N LEU C 85 18.77 -3.10 3.31
CA LEU C 85 19.14 -2.13 4.32
C LEU C 85 20.21 -2.71 5.22
N THR C 86 20.90 -1.85 5.96
CA THR C 86 21.77 -2.35 7.01
C THR C 86 20.93 -2.82 8.20
N SER C 87 21.56 -3.60 9.07
CA SER C 87 20.89 -4.05 10.28
C SER C 87 20.51 -2.86 11.15
N ALA C 88 21.40 -1.88 11.27
CA ALA C 88 21.11 -0.68 12.04
C ALA C 88 19.89 0.05 11.50
N GLU C 89 19.88 0.36 10.20
CA GLU C 89 18.78 1.12 9.62
C GLU C 89 17.50 0.30 9.59
N ALA C 90 17.60 -1.01 9.41
CA ALA C 90 16.46 -1.90 9.60
C ALA C 90 15.83 -1.74 10.98
N SER C 91 16.64 -1.88 12.03
CA SER C 91 16.17 -1.70 13.40
C SER C 91 15.42 -0.38 13.58
N LYS C 92 15.99 0.71 13.08
CA LYS C 92 15.29 1.99 13.18
C LYS C 92 13.95 1.96 12.47
N ASP C 93 13.87 1.36 11.28
CA ASP C 93 12.61 1.37 10.54
C ASP C 93 11.54 0.56 11.26
N ILE C 94 11.85 -0.67 11.63
CA ILE C 94 10.88 -1.48 12.38
C ILE C 94 10.43 -0.77 13.66
N ARG C 95 11.39 -0.34 14.49
CA ARG C 95 11.02 0.23 15.78
C ARG C 95 10.09 1.43 15.62
N GLN C 96 10.43 2.35 14.71
CA GLN C 96 9.63 3.57 14.62
C GLN C 96 8.30 3.33 13.91
N ALA C 97 8.30 2.53 12.84
CA ALA C 97 7.05 2.09 12.22
C ALA C 97 6.10 1.50 13.27
N LEU C 98 6.63 0.61 14.12
CA LEU C 98 5.80 -0.16 15.04
C LEU C 98 5.12 0.72 16.07
N LYS C 99 5.84 1.67 16.64
CA LYS C 99 5.21 2.54 17.62
C LYS C 99 4.29 3.56 16.98
N SER C 100 4.38 3.76 15.66
CA SER C 100 3.47 4.66 14.96
C SER C 100 2.17 3.98 14.53
N PHE C 101 2.02 2.67 14.79
CA PHE C 101 0.75 2.01 14.48
C PHE C 101 -0.33 2.37 15.48
N ALA C 102 0.05 2.73 16.71
CA ALA C 102 -0.91 2.99 17.78
C ALA C 102 -1.92 4.05 17.36
N GLY C 103 -3.20 3.74 17.55
CA GLY C 103 -4.27 4.65 17.16
C GLY C 103 -4.65 4.63 15.70
N LYS C 104 -3.87 4.00 14.83
CA LYS C 104 -4.24 3.90 13.43
C LYS C 104 -5.46 3.00 13.28
N GLU C 105 -6.32 3.34 12.31
CA GLU C 105 -7.59 2.67 12.11
C GLU C 105 -7.81 2.37 10.64
N VAL C 106 -8.69 1.41 10.37
CA VAL C 106 -8.92 0.92 9.02
C VAL C 106 -10.43 0.99 8.79
N VAL C 107 -10.83 1.46 7.61
CA VAL C 107 -12.24 1.63 7.27
C VAL C 107 -12.54 0.83 6.02
N PHE C 108 -13.54 -0.04 6.07
CA PHE C 108 -14.04 -0.75 4.90
C PHE C 108 -15.42 -0.21 4.57
N TYR C 109 -15.58 0.30 3.35
CA TYR C 109 -16.81 1.01 2.99
C TYR C 109 -17.85 0.04 2.41
N TYR C 121 -20.14 1.98 6.62
CA TYR C 121 -18.74 1.66 6.84
C TYR C 121 -18.46 1.11 8.24
N GLU C 122 -17.30 0.47 8.39
CA GLU C 122 -16.89 -0.18 9.62
C GLU C 122 -15.40 0.06 9.85
N SER C 123 -15.05 0.56 11.03
CA SER C 123 -13.68 0.94 11.38
C SER C 123 -13.07 -0.01 12.39
N PHE C 124 -11.80 -0.37 12.19
CA PHE C 124 -11.06 -1.29 13.05
C PHE C 124 -9.64 -0.77 13.30
N PRO C 125 -9.08 -1.07 14.48
CA PRO C 125 -7.65 -0.87 14.73
C PRO C 125 -6.80 -2.01 14.20
N TRP C 126 -5.59 -1.65 13.73
CA TRP C 126 -4.67 -2.68 13.26
C TRP C 126 -4.19 -3.57 14.40
N PHE C 127 -3.70 -2.97 15.48
CA PHE C 127 -3.12 -3.70 16.61
C PHE C 127 -4.03 -3.61 17.82
N ILE C 128 -4.08 -4.68 18.61
CA ILE C 128 -4.87 -4.66 19.84
C ILE C 128 -4.00 -4.80 21.08
N LYS C 129 -2.68 -4.80 20.91
CA LYS C 129 -1.72 -4.84 22.00
C LYS C 129 -0.42 -4.25 21.47
N PRO C 130 0.34 -3.55 22.31
CA PRO C 130 1.64 -3.04 21.84
C PRO C 130 2.56 -4.18 21.43
N ALA C 131 3.46 -3.87 20.51
CA ALA C 131 4.54 -4.78 20.15
C ALA C 131 5.53 -4.93 21.29
N HIS C 132 6.30 -6.01 21.24
CA HIS C 132 7.31 -6.26 22.26
C HIS C 132 8.35 -7.20 21.69
N SER C 133 9.56 -7.13 22.25
CA SER C 133 10.69 -7.92 21.77
C SER C 133 11.09 -8.95 22.80
N PRO C 134 10.78 -10.24 22.60
CA PRO C 134 11.31 -11.25 23.52
C PRO C 134 12.80 -11.45 23.39
N SER C 135 13.32 -11.45 22.16
CA SER C 135 14.73 -11.69 21.92
C SER C 135 15.32 -10.54 21.10
N ARG C 136 16.64 -10.37 21.23
CA ARG C 136 17.34 -9.37 20.46
C ARG C 136 17.24 -9.67 18.97
N GLY C 137 16.79 -8.69 18.20
CA GLY C 137 16.61 -8.87 16.77
C GLY C 137 15.29 -9.46 16.37
N LEU C 138 14.31 -9.49 17.27
CA LEU C 138 13.06 -10.20 17.09
C LEU C 138 11.93 -9.36 17.67
N TYR C 139 10.86 -9.20 16.91
CA TYR C 139 9.67 -8.48 17.36
C TYR C 139 8.44 -9.36 17.21
N SER C 140 7.55 -9.28 18.18
CA SER C 140 6.28 -10.01 18.17
C SER C 140 5.12 -9.02 18.16
N VAL C 141 4.16 -9.24 17.27
CA VAL C 141 3.08 -8.29 17.05
C VAL C 141 1.75 -9.03 17.08
N HIS C 142 0.71 -8.32 17.51
CA HIS C 142 -0.64 -8.88 17.70
C HIS C 142 -1.62 -8.18 16.76
N ILE C 143 -1.82 -8.72 15.55
CA ILE C 143 -2.81 -8.17 14.64
C ILE C 143 -4.22 -8.49 15.14
N ASN C 144 -5.12 -7.51 15.00
CA ASN C 144 -6.54 -7.64 15.30
C ASN C 144 -7.10 -8.87 14.59
N PRO C 145 -7.44 -9.93 15.34
CA PRO C 145 -7.99 -11.14 14.68
C PRO C 145 -9.25 -10.91 13.87
N TYR C 146 -10.00 -9.84 14.14
CA TYR C 146 -11.14 -9.50 13.29
C TYR C 146 -10.74 -9.01 11.91
N LEU C 147 -9.46 -8.72 11.68
CA LEU C 147 -8.99 -8.33 10.36
C LEU C 147 -8.73 -9.53 9.45
N ILE C 148 -8.57 -10.72 10.03
CA ILE C 148 -8.22 -11.90 9.23
C ILE C 148 -9.13 -12.08 8.01
N PRO C 149 -10.46 -12.09 8.13
CA PRO C 149 -11.29 -12.35 6.94
C PRO C 149 -11.16 -11.30 5.86
N PHE C 150 -10.79 -10.07 6.23
CA PHE C 150 -10.54 -9.04 5.22
C PHE C 150 -9.25 -9.28 4.46
N PHE C 151 -8.30 -10.02 5.04
CA PHE C 151 -7.05 -10.32 4.36
C PHE C 151 -7.22 -11.43 3.33
N ILE C 152 -7.99 -12.47 3.65
CA ILE C 152 -8.14 -13.62 2.78
C ILE C 152 -9.59 -13.76 2.32
N ARG C 157 -11.96 -12.54 -6.62
CA ARG C 157 -12.14 -11.20 -6.09
C ARG C 157 -10.93 -10.78 -5.25
N PHE C 158 -9.75 -10.80 -5.88
CA PHE C 158 -8.50 -10.63 -5.14
C PHE C 158 -7.47 -9.93 -6.03
N THR C 159 -6.42 -9.42 -5.37
CA THR C 159 -5.33 -8.68 -6.00
C THR C 159 -4.02 -9.40 -5.73
N GLN C 160 -3.12 -9.43 -6.71
CA GLN C 160 -1.87 -10.13 -6.53
C GLN C 160 -0.74 -9.48 -7.32
N PHE C 161 0.46 -9.52 -6.72
CA PHE C 161 1.67 -8.91 -7.26
C PHE C 161 2.85 -9.54 -6.52
N ARG C 162 4.00 -9.63 -7.20
CA ARG C 162 5.21 -10.08 -6.52
C ARG C 162 5.87 -8.93 -5.78
N LEU C 163 6.52 -9.27 -4.66
CA LEU C 163 7.02 -8.23 -3.75
C LEU C 163 8.11 -7.39 -4.39
N SER C 164 8.89 -7.99 -5.30
CA SER C 164 9.91 -7.23 -6.02
C SER C 164 9.34 -6.10 -6.86
N GLU C 165 8.06 -6.16 -7.22
CA GLU C 165 7.44 -5.10 -7.99
C GLU C 165 7.34 -3.79 -7.22
N THR C 166 7.21 -3.83 -5.89
CA THR C 166 6.93 -2.63 -5.10
C THR C 166 8.06 -2.22 -4.17
N LYS C 167 9.12 -3.01 -4.04
CA LYS C 167 10.08 -2.79 -2.97
C LYS C 167 11.03 -1.62 -3.22
N GLU C 168 11.04 -1.06 -4.44
CA GLU C 168 11.83 0.15 -4.68
C GLU C 168 11.00 1.43 -4.64
N ILE C 169 9.67 1.31 -4.57
CA ILE C 169 8.82 2.49 -4.47
C ILE C 169 9.05 3.21 -3.15
N THR C 170 9.09 4.54 -3.20
CA THR C 170 9.31 5.35 -2.01
C THR C 170 8.05 6.01 -1.48
N ASN C 171 7.25 6.63 -2.34
CA ASN C 171 6.06 7.34 -1.90
C ASN C 171 4.96 6.35 -1.57
N PRO C 172 4.39 6.39 -0.35
CA PRO C 172 3.38 5.40 0.00
C PRO C 172 2.10 5.51 -0.82
N TYR C 173 1.72 6.73 -1.24
CA TYR C 173 0.56 6.89 -2.10
C TYR C 173 0.77 6.20 -3.44
N ALA C 174 2.01 6.14 -3.92
CA ALA C 174 2.31 5.44 -5.16
C ALA C 174 2.24 3.93 -4.99
N MET C 175 2.61 3.42 -3.82
CA MET C 175 2.34 2.02 -3.51
C MET C 175 0.85 1.70 -3.56
N ARG C 176 0.02 2.62 -3.08
N ARG C 176 0.01 2.62 -3.08
CA ARG C 176 -1.42 2.39 -3.11
CA ARG C 176 -1.43 2.37 -3.11
C ARG C 176 -1.96 2.41 -4.54
C ARG C 176 -1.97 2.42 -4.53
N LEU C 177 -1.42 3.30 -5.38
CA LEU C 177 -1.85 3.37 -6.77
C LEU C 177 -1.47 2.09 -7.52
N TYR C 178 -0.26 1.58 -7.31
CA TYR C 178 0.14 0.38 -8.02
C TYR C 178 -0.69 -0.82 -7.57
N GLU C 179 -1.13 -0.85 -6.31
CA GLU C 179 -1.98 -1.93 -5.84
C GLU C 179 -3.35 -1.87 -6.48
N SER C 180 -3.84 -0.65 -6.75
N SER C 180 -3.85 -0.65 -6.74
CA SER C 180 -5.17 -0.49 -7.31
CA SER C 180 -5.18 -0.50 -7.31
C SER C 180 -5.22 -0.74 -8.81
C SER C 180 -5.21 -0.81 -8.80
N LEU C 181 -4.10 -0.57 -9.51
CA LEU C 181 -4.06 -0.94 -10.92
C LEU C 181 -3.92 -2.44 -11.10
N CYS C 182 -3.13 -3.08 -10.25
CA CYS C 182 -2.99 -4.53 -10.30
C CYS C 182 -4.33 -5.23 -10.14
N GLN C 183 -5.20 -4.68 -9.28
CA GLN C 183 -6.53 -5.25 -9.09
C GLN C 183 -7.27 -5.47 -10.40
N TYR C 184 -6.94 -4.71 -11.44
CA TYR C 184 -7.59 -4.82 -12.74
C TYR C 184 -6.69 -5.40 -13.81
N ARG C 185 -5.49 -5.85 -13.47
CA ARG C 185 -4.55 -6.29 -14.49
C ARG C 185 -5.01 -7.61 -15.12
N LYS C 186 -4.67 -7.79 -16.40
CA LYS C 186 -4.95 -9.04 -17.09
C LYS C 186 -3.73 -9.96 -17.05
N PRO C 187 -3.93 -11.27 -17.25
CA PRO C 187 -2.80 -12.22 -17.27
C PRO C 187 -1.59 -11.73 -18.07
N ASP C 188 -1.84 -11.25 -19.29
CA ASP C 188 -0.74 -10.83 -20.16
C ASP C 188 -0.02 -9.60 -19.62
N GLY C 189 -0.72 -8.75 -18.88
CA GLY C 189 -0.03 -7.73 -18.12
C GLY C 189 -0.54 -6.33 -18.35
N SER C 190 -1.65 -6.19 -19.08
CA SER C 190 -2.20 -4.89 -19.40
C SER C 190 -3.53 -4.68 -18.69
N GLY C 191 -3.98 -3.43 -18.68
CA GLY C 191 -5.30 -3.12 -18.15
C GLY C 191 -5.62 -1.65 -18.32
N ILE C 192 -6.87 -1.30 -18.01
CA ILE C 192 -7.38 0.07 -18.08
C ILE C 192 -8.50 0.24 -17.05
N VAL C 193 -8.48 1.36 -16.32
CA VAL C 193 -9.45 1.60 -15.25
C VAL C 193 -9.61 3.10 -15.04
N SER C 194 -10.83 3.49 -14.66
CA SER C 194 -11.19 4.88 -14.36
C SER C 194 -11.48 5.05 -12.87
N LEU C 195 -10.67 5.85 -12.19
CA LEU C 195 -10.83 6.12 -10.77
C LEU C 195 -11.34 7.54 -10.51
N LYS C 196 -12.31 7.67 -9.61
CA LYS C 196 -12.88 8.97 -9.27
C LYS C 196 -11.97 9.71 -8.29
N ILE C 197 -11.85 11.03 -8.48
CA ILE C 197 -10.89 11.80 -7.69
C ILE C 197 -11.31 11.84 -6.23
N ASP C 198 -12.59 12.08 -5.95
CA ASP C 198 -13.04 12.07 -4.56
C ASP C 198 -12.78 10.72 -3.89
N TRP C 199 -12.98 9.63 -4.63
CA TRP C 199 -12.72 8.29 -4.08
C TRP C 199 -11.23 8.07 -3.87
N ILE C 200 -10.39 8.60 -4.76
CA ILE C 200 -8.94 8.57 -4.52
C ILE C 200 -8.60 9.29 -3.22
N ILE C 201 -9.21 10.44 -2.98
CA ILE C 201 -8.88 11.25 -1.82
C ILE C 201 -9.31 10.56 -0.53
N GLU C 202 -10.48 9.92 -0.54
N GLU C 202 -10.48 9.92 -0.54
CA GLU C 202 -10.98 9.28 0.68
CA GLU C 202 -10.99 9.28 0.67
C GLU C 202 -10.27 7.95 0.94
C GLU C 202 -10.32 7.94 0.94
N ARG C 203 -9.97 7.18 -0.11
CA ARG C 203 -9.37 5.88 0.09
C ARG C 203 -7.90 6.00 0.48
N TYR C 204 -7.15 6.87 -0.19
CA TYR C 204 -5.73 7.04 0.10
C TYR C 204 -5.48 8.08 1.18
N GLN C 205 -6.54 8.76 1.64
N GLN C 205 -6.53 8.79 1.63
CA GLN C 205 -6.48 9.82 2.64
CA GLN C 205 -6.41 9.79 2.68
C GLN C 205 -5.34 10.80 2.34
C GLN C 205 -5.33 10.82 2.35
N LEU C 206 -5.42 11.38 1.15
CA LEU C 206 -4.51 12.44 0.76
C LEU C 206 -4.72 13.64 1.68
N PRO C 207 -3.68 14.44 1.92
CA PRO C 207 -3.84 15.57 2.83
C PRO C 207 -4.68 16.67 2.20
N GLN C 208 -5.19 17.54 3.07
CA GLN C 208 -6.34 18.38 2.73
C GLN C 208 -6.03 19.35 1.59
N SER C 209 -4.80 19.86 1.52
CA SER C 209 -4.48 20.81 0.46
C SER C 209 -4.51 20.22 -0.94
N TYR C 210 -4.59 18.89 -1.08
CA TYR C 210 -4.69 18.29 -2.40
C TYR C 210 -6.13 18.24 -2.93
N GLN C 211 -7.09 18.78 -2.19
CA GLN C 211 -8.40 19.08 -2.78
C GLN C 211 -8.34 20.26 -3.74
N ARG C 212 -7.25 21.02 -3.76
CA ARG C 212 -7.01 21.98 -4.83
C ARG C 212 -6.28 21.25 -5.95
N MET C 213 -6.94 21.16 -7.11
CA MET C 213 -6.47 20.29 -8.19
C MET C 213 -5.04 20.57 -8.67
N PRO C 214 -4.57 21.82 -8.82
CA PRO C 214 -3.18 22.00 -9.26
C PRO C 214 -2.15 21.44 -8.30
N ASP C 215 -2.43 21.46 -7.00
CA ASP C 215 -1.53 20.81 -6.06
C ASP C 215 -1.67 19.30 -6.15
N PHE C 216 -2.89 18.81 -6.35
CA PHE C 216 -3.13 17.39 -6.59
C PHE C 216 -2.27 16.87 -7.76
N ARG C 217 -2.32 17.58 -8.89
CA ARG C 217 -1.51 17.23 -10.05
C ARG C 217 -0.02 17.22 -9.71
N ARG C 218 0.48 18.30 -9.09
CA ARG C 218 1.92 18.52 -9.05
C ARG C 218 2.61 17.62 -8.02
N ARG C 219 1.99 17.44 -6.85
CA ARG C 219 2.65 16.75 -5.74
C ARG C 219 2.21 15.32 -5.54
N PHE C 220 1.12 14.90 -6.19
CA PHE C 220 0.67 13.51 -6.07
C PHE C 220 0.66 12.79 -7.41
N LEU C 221 -0.16 13.25 -8.36
CA LEU C 221 -0.37 12.51 -9.60
C LEU C 221 0.92 12.36 -10.41
N GLN C 222 1.56 13.47 -10.78
CA GLN C 222 2.75 13.36 -11.63
C GLN C 222 3.87 12.58 -10.96
N VAL C 223 4.07 12.78 -9.65
CA VAL C 223 5.18 12.12 -8.97
C VAL C 223 4.96 10.62 -8.92
N CYS C 224 3.73 10.18 -8.62
CA CYS C 224 3.47 8.76 -8.47
C CYS C 224 3.45 8.06 -9.81
N VAL C 225 3.00 8.74 -10.87
CA VAL C 225 3.12 8.19 -12.21
C VAL C 225 4.59 8.06 -12.61
N ASN C 226 5.42 9.02 -12.20
N ASN C 226 5.40 9.04 -12.22
CA ASN C 226 6.83 8.98 -12.59
CA ASN C 226 6.82 9.01 -12.56
C ASN C 226 7.57 7.87 -11.88
C ASN C 226 7.53 7.84 -11.89
N GLU C 227 7.33 7.67 -10.58
CA GLU C 227 7.99 6.59 -9.84
C GLU C 227 7.65 5.23 -10.42
N ILE C 228 6.35 4.96 -10.63
CA ILE C 228 5.93 3.68 -11.19
C ILE C 228 6.67 3.39 -12.50
N ASN C 229 6.71 4.37 -13.40
CA ASN C 229 7.41 4.21 -14.66
C ASN C 229 8.92 4.03 -14.49
N SER C 230 9.49 4.47 -13.37
CA SER C 230 10.94 4.38 -13.17
C SER C 230 11.36 3.22 -12.28
N ARG C 231 10.44 2.67 -11.50
CA ARG C 231 10.78 1.74 -10.43
C ARG C 231 10.05 0.41 -10.52
N THR C 232 9.09 0.24 -11.43
CA THR C 232 8.38 -1.01 -11.58
C THR C 232 8.50 -1.52 -13.02
N PRO C 233 8.11 -2.77 -13.31
CA PRO C 233 8.09 -3.23 -14.71
C PRO C 233 6.87 -2.84 -15.53
N MET C 234 6.06 -1.89 -15.08
N MET C 234 6.11 -1.84 -15.07
CA MET C 234 4.90 -1.48 -15.87
CA MET C 234 4.90 -1.39 -15.73
C MET C 234 5.06 -0.05 -16.36
C MET C 234 5.14 -0.03 -16.40
N ARG C 235 4.45 0.19 -17.52
CA ARG C 235 4.56 1.45 -18.25
C ARG C 235 3.18 2.09 -18.30
N LEU C 236 3.05 3.26 -17.68
CA LEU C 236 1.75 3.83 -17.30
C LEU C 236 1.57 5.18 -17.96
N SER C 237 0.35 5.43 -18.45
CA SER C 237 -0.08 6.71 -19.01
C SER C 237 -1.46 7.04 -18.47
N TYR C 238 -1.90 8.28 -18.69
CA TYR C 238 -3.20 8.68 -18.18
C TYR C 238 -3.74 9.86 -19.00
N ILE C 239 -5.03 10.12 -18.80
CA ILE C 239 -5.74 11.27 -19.38
C ILE C 239 -6.82 11.68 -18.40
N GLU C 240 -7.19 12.96 -18.44
CA GLU C 240 -8.13 13.53 -17.49
C GLU C 240 -9.53 13.56 -18.07
N LYS C 241 -10.52 13.20 -17.25
CA LYS C 241 -11.91 13.28 -17.64
C LYS C 241 -12.52 14.49 -16.95
N LYS C 242 -13.24 15.31 -17.70
CA LYS C 242 -13.81 16.54 -17.19
C LYS C 242 -15.33 16.54 -17.31
N LYS C 243 -15.95 17.38 -16.49
CA LYS C 243 -17.37 17.66 -16.54
C LYS C 243 -17.53 19.15 -16.23
N GLY C 244 -17.82 19.93 -17.25
CA GLY C 244 -17.79 21.37 -17.09
C GLY C 244 -16.36 21.84 -16.88
N ARG C 245 -16.14 22.68 -15.86
CA ARG C 245 -14.80 23.11 -15.50
C ARG C 245 -14.09 22.16 -14.54
N GLN C 246 -14.81 21.26 -13.89
CA GLN C 246 -14.23 20.38 -12.89
C GLN C 246 -13.69 19.10 -13.50
N THR C 247 -12.54 18.65 -13.00
CA THR C 247 -11.98 17.35 -13.35
C THR C 247 -12.51 16.34 -12.36
N THR C 248 -13.12 15.28 -12.85
CA THR C 248 -13.84 14.34 -12.01
C THR C 248 -13.18 12.98 -11.88
N HIS C 249 -12.57 12.46 -12.95
CA HIS C 249 -11.93 11.15 -12.89
C HIS C 249 -10.54 11.23 -13.51
N ILE C 250 -9.73 10.21 -13.24
CA ILE C 250 -8.47 10.00 -13.93
C ILE C 250 -8.52 8.61 -14.55
N VAL C 251 -8.16 8.52 -15.84
CA VAL C 251 -8.24 7.28 -16.60
C VAL C 251 -6.83 6.74 -16.84
N PHE C 252 -6.54 5.57 -16.28
CA PHE C 252 -5.21 4.95 -16.32
C PHE C 252 -5.17 3.82 -17.35
N SER C 253 -4.14 3.83 -18.20
CA SER C 253 -3.79 2.69 -19.06
C SER C 253 -2.38 2.21 -18.76
N PHE C 254 -2.17 0.89 -18.84
CA PHE C 254 -0.86 0.32 -18.56
C PHE C 254 -0.64 -0.99 -19.31
N ARG C 255 0.64 -1.31 -19.52
CA ARG C 255 1.12 -2.56 -20.08
C ARG C 255 2.34 -3.03 -19.29
N ASP C 256 2.83 -4.22 -19.60
CA ASP C 256 3.99 -4.79 -18.94
C ASP C 256 5.18 -4.73 -19.87
N ILE C 257 6.36 -4.46 -19.30
CA ILE C 257 7.60 -4.37 -20.07
C ILE C 257 8.19 -5.75 -20.31
MG MG D . 15.17 3.76 7.44
#